data_8ERM
#
_entry.id   8ERM
#
_cell.length_a   53.486
_cell.length_b   36.492
_cell.length_c   87.452
_cell.angle_alpha   90.000
_cell.angle_beta   97.298
_cell.angle_gamma   90.000
#
_symmetry.space_group_name_H-M   'P 1 21 1'
#
loop_
_entity.id
_entity.type
_entity.pdbx_description
1 polymer 'B-type flagellin'
2 non-polymer GLYCEROL
3 non-polymer 'SULFATE ION'
4 water water
#
_entity_poly.entity_id   1
_entity_poly.type   'polypeptide(L)'
_entity_poly.pdbx_seq_one_letter_code
;GAGTVASVAGTATASGIASGTVNLVGGGQVKNIAIAAGDSAKAIAEKMDGAIPNLSARARTVFTADVSGVTGGSLNFDVT
VGSNTVSLAGVTSTQDLADQLNSNSSKLGITASINDKGVLTITSATGENVKFGAQTGTATAGQVAVKVQGSDGKFEAAAK
NVVAAGTAATTTIVTGYVQLNSPTAYSVSGTGTQASQVFGNASAAQKSSVASVDISTA
;
_entity_poly.pdbx_strand_id   A,B
#
# COMPACT_ATOMS: atom_id res chain seq x y z
N GLY A 3 5.98 8.81 -33.65
CA GLY A 3 6.27 8.77 -32.20
C GLY A 3 4.99 8.62 -31.41
N THR A 4 4.83 7.49 -30.73
CA THR A 4 3.94 7.43 -29.56
C THR A 4 4.77 6.94 -28.37
N VAL A 5 4.50 7.53 -27.21
CA VAL A 5 5.15 7.14 -25.96
C VAL A 5 4.30 6.09 -25.25
N ALA A 6 4.95 5.37 -24.35
CA ALA A 6 4.28 4.35 -23.54
C ALA A 6 3.20 4.97 -22.68
N SER A 7 2.08 4.26 -22.53
CA SER A 7 0.99 4.71 -21.68
C SER A 7 1.11 4.26 -20.22
N VAL A 8 2.04 3.35 -19.90
CA VAL A 8 2.20 2.88 -18.52
C VAL A 8 3.63 3.08 -18.02
N ALA A 9 4.61 2.54 -18.72
CA ALA A 9 6.01 2.76 -18.32
C ALA A 9 6.36 4.24 -18.48
N GLY A 10 7.09 4.80 -17.52
CA GLY A 10 7.46 6.21 -17.60
C GLY A 10 6.32 7.17 -17.32
N THR A 11 5.30 6.73 -16.60
CA THR A 11 4.25 7.63 -16.16
C THR A 11 3.53 7.04 -14.93
N ALA A 12 2.60 7.82 -14.40
CA ALA A 12 1.71 7.39 -13.34
C ALA A 12 0.40 6.92 -13.97
N THR A 13 -0.10 5.79 -13.47
CA THR A 13 -1.37 5.19 -13.94
C THR A 13 -2.16 4.64 -12.78
N ALA A 14 -3.43 4.38 -13.03
CA ALA A 14 -4.31 3.80 -12.03
C ALA A 14 -3.96 2.36 -11.72
N SER A 15 -3.63 1.59 -12.76
CA SER A 15 -3.53 0.14 -12.61
C SER A 15 -2.19 -0.48 -12.91
N GLY A 16 -1.24 0.33 -13.39
CA GLY A 16 0.06 -0.20 -13.72
C GLY A 16 0.02 -1.12 -14.92
N ILE A 17 1.07 -1.90 -15.07
CA ILE A 17 1.24 -2.73 -16.26
C ILE A 17 0.13 -3.76 -16.36
N ALA A 18 -0.43 -3.90 -17.57
CA ALA A 18 -1.43 -4.93 -17.85
C ALA A 18 -0.74 -6.20 -18.36
N SER A 19 -1.36 -7.35 -18.12
CA SER A 19 -0.85 -8.59 -18.66
C SER A 19 -0.83 -8.53 -20.20
N GLY A 20 0.16 -9.18 -20.76
CA GLY A 20 0.32 -9.27 -22.19
C GLY A 20 1.55 -10.06 -22.57
N THR A 21 1.82 -10.10 -23.86
CA THR A 21 2.99 -10.79 -24.38
C THR A 21 3.70 -9.80 -25.31
N VAL A 22 5.02 -9.67 -25.12
CA VAL A 22 5.87 -8.86 -25.99
C VAL A 22 6.55 -9.76 -27.01
N ASN A 23 6.43 -9.41 -28.29
CA ASN A 23 7.04 -10.15 -29.38
C ASN A 23 8.33 -9.43 -29.79
N LEU A 24 9.47 -10.08 -29.59
CA LEU A 24 10.77 -9.58 -29.95
C LEU A 24 11.31 -10.31 -31.17
N VAL A 25 11.78 -9.57 -32.17
CA VAL A 25 12.47 -10.16 -33.32
C VAL A 25 13.80 -9.47 -33.57
N GLY A 26 14.87 -10.24 -33.70
CA GLY A 26 16.17 -9.66 -34.02
C GLY A 26 17.24 -10.73 -34.13
N GLY A 27 18.23 -10.45 -34.97
CA GLY A 27 19.30 -11.42 -35.23
C GLY A 27 18.79 -12.74 -35.76
N GLY A 28 17.67 -12.72 -36.47
CA GLY A 28 17.09 -13.97 -36.99
C GLY A 28 16.38 -14.83 -35.96
N GLN A 29 16.21 -14.28 -34.76
CA GLN A 29 15.55 -15.00 -33.66
C GLN A 29 14.23 -14.33 -33.35
N VAL A 30 13.28 -15.15 -32.87
CA VAL A 30 11.93 -14.70 -32.49
C VAL A 30 11.69 -15.11 -31.05
N LYS A 31 11.35 -14.16 -30.17
CA LYS A 31 11.15 -14.49 -28.76
C LYS A 31 9.90 -13.82 -28.25
N ASN A 32 9.13 -14.56 -27.45
CA ASN A 32 7.96 -14.03 -26.83
C ASN A 32 8.21 -13.97 -25.34
N ILE A 33 7.88 -12.80 -24.78
CA ILE A 33 8.15 -12.47 -23.38
C ILE A 33 6.84 -12.22 -22.68
N ALA A 34 6.55 -12.98 -21.62
CA ALA A 34 5.34 -12.78 -20.87
C ALA A 34 5.45 -11.57 -19.95
N ILE A 35 4.46 -10.68 -20.02
CA ILE A 35 4.35 -9.52 -19.14
C ILE A 35 3.21 -9.82 -18.17
N ALA A 36 3.52 -9.86 -16.89
CA ALA A 36 2.53 -10.12 -15.85
C ALA A 36 1.86 -8.86 -15.42
N ALA A 37 0.57 -8.95 -15.09
CA ALA A 37 -0.17 -7.80 -14.56
C ALA A 37 0.61 -7.27 -13.35
N GLY A 38 0.83 -5.95 -13.35
CA GLY A 38 1.52 -5.31 -12.22
C GLY A 38 3.06 -5.39 -12.27
N ASP A 39 3.62 -5.96 -13.34
CA ASP A 39 5.06 -6.04 -13.45
C ASP A 39 5.68 -4.65 -13.37
N SER A 40 6.82 -4.60 -12.73
CA SER A 40 7.65 -3.41 -12.71
C SER A 40 8.54 -3.33 -13.94
N ALA A 41 9.07 -2.14 -14.21
CA ALA A 41 10.13 -2.03 -15.19
C ALA A 41 11.32 -2.94 -14.89
N LYS A 42 11.65 -3.06 -13.62
CA LYS A 42 12.72 -3.95 -13.17
C LYS A 42 12.49 -5.37 -13.67
N ALA A 43 11.28 -5.88 -13.44
CA ALA A 43 10.95 -7.25 -13.83
C ALA A 43 10.96 -7.42 -15.35
N ILE A 44 10.45 -6.43 -16.08
CA ILE A 44 10.38 -6.51 -17.52
C ILE A 44 11.80 -6.47 -18.10
N ALA A 45 12.63 -5.57 -17.59
CA ALA A 45 14.01 -5.50 -18.05
C ALA A 45 14.75 -6.79 -17.79
N GLU A 46 14.49 -7.44 -16.65
CA GLU A 46 15.17 -8.69 -16.33
C GLU A 46 14.80 -9.76 -17.35
N LYS A 47 13.54 -9.77 -17.77
CA LYS A 47 13.06 -10.73 -18.77
C LYS A 47 13.59 -10.46 -20.17
N MET A 48 13.81 -9.19 -20.50
CA MET A 48 14.20 -8.82 -21.84
C MET A 48 15.69 -8.78 -22.05
N ASP A 49 16.47 -8.55 -20.99
CA ASP A 49 17.89 -8.38 -21.15
C ASP A 49 18.53 -9.67 -21.69
N GLY A 50 19.23 -9.57 -22.80
CA GLY A 50 19.81 -10.75 -23.47
C GLY A 50 18.81 -11.74 -24.04
N ALA A 51 17.53 -11.38 -24.16
CA ALA A 51 16.53 -12.32 -24.66
C ALA A 51 16.84 -12.70 -26.13
N ILE A 52 17.39 -11.76 -26.88
CA ILE A 52 18.02 -12.04 -28.19
C ILE A 52 19.44 -11.52 -28.10
N PRO A 53 20.31 -12.00 -29.01
CA PRO A 53 21.70 -11.60 -28.90
C PRO A 53 21.92 -10.09 -28.97
N ASN A 54 22.80 -9.60 -28.11
CA ASN A 54 23.23 -8.21 -28.05
C ASN A 54 22.16 -7.25 -27.52
N LEU A 55 20.98 -7.73 -27.12
CA LEU A 55 19.95 -6.79 -26.63
C LEU A 55 20.18 -6.45 -25.15
N SER A 56 20.42 -5.18 -24.85
CA SER A 56 20.56 -4.72 -23.47
C SER A 56 19.24 -4.13 -23.02
N ALA A 57 18.79 -4.47 -21.83
CA ALA A 57 17.59 -3.85 -21.24
C ALA A 57 17.91 -3.38 -19.83
N ARG A 58 17.69 -2.09 -19.58
CA ARG A 58 17.95 -1.49 -18.27
C ARG A 58 16.67 -0.82 -17.78
N ALA A 59 16.47 -0.82 -16.48
CA ALA A 59 15.26 -0.21 -15.91
C ALA A 59 15.64 0.76 -14.80
N ARG A 60 14.89 1.83 -14.71
CA ARG A 60 15.04 2.81 -13.64
CA ARG A 60 15.05 2.83 -13.64
C ARG A 60 13.72 3.52 -13.47
N THR A 61 13.37 3.85 -12.24
CA THR A 61 12.17 4.62 -11.95
C THR A 61 12.62 5.93 -11.35
N VAL A 62 12.44 7.01 -12.10
CA VAL A 62 12.91 8.31 -11.70
C VAL A 62 11.78 9.28 -11.95
N PHE A 63 11.49 10.12 -10.98
CA PHE A 63 10.45 11.14 -11.18
C PHE A 63 10.66 12.32 -10.29
N THR A 64 10.13 13.48 -10.68
CA THR A 64 10.09 14.59 -9.77
C THR A 64 8.70 14.62 -9.13
N ALA A 65 8.63 15.15 -7.92
CA ALA A 65 7.38 15.25 -7.19
C ALA A 65 7.28 16.65 -6.60
N ASP A 66 6.08 17.24 -6.66
CA ASP A 66 5.83 18.55 -6.11
C ASP A 66 4.57 18.51 -5.26
N VAL A 67 4.61 19.12 -4.08
CA VAL A 67 3.45 19.26 -3.24
C VAL A 67 2.92 20.66 -3.36
N SER A 68 1.61 20.80 -3.61
CA SER A 68 1.02 22.11 -3.89
C SER A 68 -0.37 22.20 -3.28
N GLY A 69 -0.72 23.38 -2.80
CA GLY A 69 -2.09 23.68 -2.44
C GLY A 69 -2.63 23.04 -1.18
N VAL A 70 -1.74 22.61 -0.30
CA VAL A 70 -2.16 21.96 0.92
C VAL A 70 -2.78 22.99 1.88
N THR A 71 -4.05 22.76 2.21
CA THR A 71 -4.76 23.65 3.13
C THR A 71 -5.69 22.84 4.03
N GLY A 72 -6.04 23.43 5.17
CA GLY A 72 -6.99 22.82 6.07
C GLY A 72 -6.40 21.74 6.97
N GLY A 73 -5.08 21.54 6.88
CA GLY A 73 -4.40 20.48 7.60
C GLY A 73 -3.20 20.03 6.78
N SER A 74 -2.89 18.75 6.84
CA SER A 74 -1.71 18.22 6.19
C SER A 74 -2.00 16.88 5.52
N LEU A 75 -1.11 16.47 4.61
CA LEU A 75 -1.31 15.22 3.88
C LEU A 75 -0.66 14.06 4.62
N ASN A 76 -1.38 12.94 4.69
CA ASN A 76 -0.82 11.67 5.14
C ASN A 76 -1.09 10.66 4.05
N PHE A 77 -0.12 9.82 3.74
CA PHE A 77 -0.30 8.79 2.74
C PHE A 77 0.85 7.80 2.82
N ASP A 78 0.57 6.57 2.41
CA ASP A 78 1.61 5.56 2.34
C ASP A 78 2.39 5.72 1.03
N VAL A 79 3.65 5.29 1.05
CA VAL A 79 4.44 5.14 -0.16
C VAL A 79 5.01 3.72 -0.17
N THR A 80 4.79 3.02 -1.28
CA THR A 80 5.32 1.69 -1.50
C THR A 80 6.34 1.75 -2.61
N VAL A 81 7.52 1.21 -2.37
CA VAL A 81 8.50 1.02 -3.42
C VAL A 81 8.82 -0.48 -3.44
N GLY A 82 8.55 -1.14 -4.56
CA GLY A 82 8.69 -2.58 -4.62
C GLY A 82 7.83 -3.22 -3.55
N SER A 83 8.47 -3.98 -2.67
CA SER A 83 7.76 -4.72 -1.63
C SER A 83 7.81 -4.06 -0.26
N ASN A 84 8.22 -2.78 -0.22
CA ASN A 84 8.43 -2.09 1.04
C ASN A 84 7.55 -0.87 1.12
N THR A 85 6.88 -0.68 2.26
CA THR A 85 5.90 0.39 2.43
C THR A 85 6.13 1.16 3.70
N VAL A 86 6.03 2.48 3.61
CA VAL A 86 6.12 3.35 4.78
C VAL A 86 4.95 4.32 4.79
N SER A 87 4.68 4.92 5.94
CA SER A 87 3.59 5.85 6.13
C SER A 87 4.15 7.22 6.33
N LEU A 88 3.76 8.16 5.46
CA LEU A 88 4.14 9.55 5.58
C LEU A 88 2.99 10.31 6.21
N ALA A 89 3.30 11.34 7.00
CA ALA A 89 2.26 12.08 7.69
C ALA A 89 2.69 13.51 7.90
N GLY A 90 1.74 14.42 7.91
CA GLY A 90 2.04 15.80 8.23
C GLY A 90 2.74 16.56 7.10
N VAL A 91 2.56 16.09 5.87
CA VAL A 91 3.23 16.69 4.73
C VAL A 91 2.48 17.92 4.23
N THR A 92 3.15 19.08 4.21
CA THR A 92 2.54 20.29 3.64
C THR A 92 3.34 20.91 2.51
N SER A 93 4.58 20.45 2.34
CA SER A 93 5.45 21.01 1.32
C SER A 93 6.28 19.90 0.69
N THR A 94 6.87 20.25 -0.46
CA THR A 94 7.80 19.36 -1.11
C THR A 94 9.00 19.02 -0.23
N GLN A 95 9.49 20.01 0.51
CA GLN A 95 10.55 19.73 1.47
C GLN A 95 10.15 18.68 2.50
N ASP A 96 8.94 18.78 3.03
CA ASP A 96 8.46 17.77 3.99
C ASP A 96 8.47 16.37 3.38
N LEU A 97 7.98 16.27 2.14
CA LEU A 97 7.99 15.00 1.45
C LEU A 97 9.41 14.46 1.29
N ALA A 98 10.30 15.33 0.81
CA ALA A 98 11.69 14.95 0.67
C ALA A 98 12.28 14.44 1.97
N ASP A 99 12.03 15.18 3.04
CA ASP A 99 12.61 14.82 4.35
C ASP A 99 12.14 13.45 4.80
N GLN A 100 10.84 13.18 4.66
CA GLN A 100 10.34 11.89 5.10
C GLN A 100 10.70 10.72 4.19
N LEU A 101 10.80 10.97 2.89
CA LEU A 101 11.31 9.95 2.02
C LEU A 101 12.78 9.64 2.37
N ASN A 102 13.55 10.66 2.67
CA ASN A 102 14.95 10.44 3.04
CA ASN A 102 14.95 10.46 3.03
C ASN A 102 15.11 9.67 4.33
N SER A 103 14.29 10.00 5.34
CA SER A 103 14.32 9.24 6.58
C SER A 103 14.00 7.76 6.38
N ASN A 104 13.21 7.46 5.34
CA ASN A 104 12.81 6.10 5.01
C ASN A 104 13.55 5.52 3.82
N SER A 105 14.69 6.10 3.46
CA SER A 105 15.32 5.75 2.19
C SER A 105 15.92 4.34 2.14
N SER A 106 16.44 3.85 3.27
CA SER A 106 16.99 2.51 3.32
CA SER A 106 16.99 2.51 3.32
C SER A 106 15.90 1.45 3.18
N LYS A 107 14.81 1.62 3.93
CA LYS A 107 13.69 0.68 3.87
C LYS A 107 13.12 0.66 2.45
N LEU A 108 12.96 1.85 1.86
CA LEU A 108 12.35 1.92 0.55
C LEU A 108 13.32 1.60 -0.60
N GLY A 109 14.64 1.66 -0.36
CA GLY A 109 15.61 1.46 -1.45
C GLY A 109 15.56 2.55 -2.50
N ILE A 110 15.53 3.80 -2.04
CA ILE A 110 15.48 4.94 -2.97
C ILE A 110 16.45 6.01 -2.62
N THR A 111 16.65 6.93 -3.57
CA THR A 111 17.26 8.22 -3.31
CA THR A 111 17.23 8.23 -3.24
C THR A 111 16.14 9.26 -3.44
N ALA A 112 16.12 10.26 -2.58
CA ALA A 112 15.19 11.35 -2.65
C ALA A 112 16.01 12.60 -2.44
N SER A 113 16.21 13.37 -3.50
CA SER A 113 17.08 14.53 -3.52
C SER A 113 16.26 15.79 -3.87
N ILE A 114 16.19 16.75 -2.95
CA ILE A 114 15.53 18.00 -3.25
C ILE A 114 16.57 19.08 -3.30
N ASN A 115 16.52 19.91 -4.33
CA ASN A 115 17.48 20.99 -4.44
C ASN A 115 16.93 22.31 -3.91
N ASP A 116 17.77 23.34 -3.92
CA ASP A 116 17.40 24.60 -3.32
C ASP A 116 16.41 25.39 -4.18
N LYS A 117 16.14 24.91 -5.39
CA LYS A 117 15.03 25.44 -6.19
C LYS A 117 13.71 24.68 -5.98
N GLY A 118 13.73 23.73 -5.05
CA GLY A 118 12.54 23.01 -4.67
C GLY A 118 12.21 21.83 -5.53
N VAL A 119 13.12 21.42 -6.42
CA VAL A 119 12.86 20.28 -7.30
C VAL A 119 13.31 19.03 -6.57
N LEU A 120 12.35 18.14 -6.32
CA LEU A 120 12.58 16.87 -5.65
C LEU A 120 12.60 15.74 -6.67
N THR A 121 13.72 15.02 -6.79
CA THR A 121 13.87 13.91 -7.70
C THR A 121 14.03 12.64 -6.90
N ILE A 122 13.21 11.64 -7.21
CA ILE A 122 13.09 10.40 -6.48
C ILE A 122 13.46 9.27 -7.41
N THR A 123 14.37 8.39 -6.97
CA THR A 123 14.88 7.34 -7.82
C THR A 123 14.81 5.97 -7.14
N SER A 124 14.24 4.99 -7.84
CA SER A 124 14.49 3.57 -7.58
C SER A 124 15.47 3.13 -8.65
N ALA A 125 16.72 2.89 -8.25
CA ALA A 125 17.77 2.70 -9.20
C ALA A 125 17.64 1.46 -10.05
N THR A 126 16.92 0.46 -9.56
CA THR A 126 16.71 -0.77 -10.31
C THR A 126 15.38 -0.85 -11.03
N GLY A 127 14.54 0.17 -10.86
CA GLY A 127 13.30 0.20 -11.61
C GLY A 127 12.05 -0.39 -10.95
N GLU A 128 12.01 -0.37 -9.61
CA GLU A 128 10.83 -0.84 -8.91
C GLU A 128 9.65 0.10 -9.10
N ASN A 129 8.43 -0.43 -8.99
CA ASN A 129 7.25 0.44 -9.04
C ASN A 129 7.17 1.26 -7.76
N VAL A 130 6.63 2.47 -7.88
CA VAL A 130 6.39 3.33 -6.71
C VAL A 130 4.92 3.64 -6.66
N LYS A 131 4.27 3.28 -5.56
CA LYS A 131 2.83 3.41 -5.44
C LYS A 131 2.45 4.30 -4.29
N PHE A 132 1.53 5.22 -4.53
CA PHE A 132 1.06 6.14 -3.52
C PHE A 132 -0.27 5.69 -2.98
N GLY A 133 -0.36 5.70 -1.66
CA GLY A 133 -1.58 5.32 -0.98
C GLY A 133 -2.62 6.43 -0.95
N ALA A 134 -3.79 6.09 -0.44
CA ALA A 134 -4.86 7.03 -0.27
C ALA A 134 -4.47 8.18 0.67
N GLN A 135 -5.10 9.33 0.50
CA GLN A 135 -4.89 10.48 1.37
C GLN A 135 -5.69 10.25 2.64
N THR A 136 -5.02 10.12 3.77
CA THR A 136 -5.68 9.82 5.06
C THR A 136 -5.46 10.94 6.09
N GLY A 137 -4.81 12.02 5.70
CA GLY A 137 -4.54 13.15 6.57
C GLY A 137 -5.65 14.14 6.68
N THR A 138 -5.39 15.18 7.45
CA THR A 138 -6.40 16.18 7.78
C THR A 138 -6.65 17.21 6.70
N ALA A 139 -5.73 17.34 5.74
CA ALA A 139 -5.86 18.36 4.71
C ALA A 139 -7.19 18.21 3.98
N THR A 140 -7.82 19.34 3.67
CA THR A 140 -9.03 19.33 2.85
C THR A 140 -8.79 19.65 1.39
N ALA A 141 -7.59 20.13 1.06
CA ALA A 141 -7.18 20.28 -0.32
C ALA A 141 -5.65 20.14 -0.35
N GLY A 142 -5.12 19.86 -1.53
CA GLY A 142 -3.67 19.73 -1.70
C GLY A 142 -3.36 18.48 -2.50
N GLN A 143 -2.23 18.51 -3.23
CA GLN A 143 -1.85 17.36 -4.04
C GLN A 143 -0.35 17.13 -4.03
N VAL A 144 0.00 15.88 -4.34
CA VAL A 144 1.35 15.52 -4.74
C VAL A 144 1.26 15.16 -6.23
N ALA A 145 2.05 15.83 -7.05
CA ALA A 145 2.03 15.63 -8.49
C ALA A 145 3.42 15.25 -8.99
N VAL A 146 3.45 14.35 -9.95
CA VAL A 146 4.71 13.77 -10.43
C VAL A 146 4.90 13.91 -11.93
N LYS A 147 6.17 14.01 -12.33
CA LYS A 147 6.60 13.99 -13.73
C LYS A 147 7.68 12.93 -13.84
N VAL A 148 7.48 11.95 -14.68
CA VAL A 148 8.31 10.75 -14.69
C VAL A 148 9.29 10.80 -15.84
N GLN A 149 10.49 10.28 -15.60
CA GLN A 149 11.52 10.20 -16.63
C GLN A 149 11.35 8.99 -17.51
N GLY A 150 11.49 9.19 -18.81
CA GLY A 150 11.44 8.13 -19.79
C GLY A 150 12.80 7.58 -20.16
N SER A 151 12.78 6.53 -20.99
CA SER A 151 14.03 5.90 -21.43
C SER A 151 14.89 6.80 -22.28
N ASP A 152 14.33 7.86 -22.83
CA ASP A 152 15.12 8.88 -23.56
C ASP A 152 15.75 9.94 -22.65
N GLY A 153 15.63 9.76 -21.34
CA GLY A 153 16.21 10.66 -20.36
C GLY A 153 15.40 11.92 -20.06
N LYS A 154 14.27 12.09 -20.76
CA LYS A 154 13.46 13.27 -20.60
C LYS A 154 12.33 13.03 -19.59
N PHE A 155 12.05 14.05 -18.80
CA PHE A 155 10.93 14.02 -17.88
C PHE A 155 9.67 14.49 -18.58
N GLU A 156 8.54 13.90 -18.21
CA GLU A 156 7.25 14.43 -18.69
C GLU A 156 7.19 15.92 -18.42
N ALA A 157 6.59 16.65 -19.36
CA ALA A 157 6.44 18.09 -19.19
C ALA A 157 5.19 18.43 -18.37
N ALA A 158 4.24 17.50 -18.36
CA ALA A 158 2.93 17.61 -17.68
C ALA A 158 2.93 16.65 -16.51
N ALA A 159 2.46 17.13 -15.35
CA ALA A 159 2.38 16.31 -14.15
C ALA A 159 1.03 15.63 -13.99
N LYS A 160 1.04 14.55 -13.22
CA LYS A 160 -0.17 13.87 -12.78
C LYS A 160 -0.22 13.80 -11.27
N ASN A 161 -1.41 13.96 -10.70
CA ASN A 161 -1.58 13.81 -9.27
C ASN A 161 -1.54 12.35 -8.85
N VAL A 162 -0.69 12.04 -7.87
CA VAL A 162 -0.62 10.70 -7.28
C VAL A 162 -1.30 10.65 -5.90
N VAL A 163 -1.46 11.81 -5.26
CA VAL A 163 -2.20 11.95 -4.01
C VAL A 163 -2.99 13.25 -4.12
N ALA A 164 -4.25 13.26 -3.69
CA ALA A 164 -4.99 14.50 -3.63
C ALA A 164 -5.96 14.44 -2.47
N ALA A 165 -6.06 15.55 -1.74
CA ALA A 165 -7.01 15.66 -0.65
C ALA A 165 -8.37 16.05 -1.22
N GLY A 166 -9.42 15.56 -0.57
CA GLY A 166 -10.75 15.65 -1.13
C GLY A 166 -10.99 14.47 -2.05
N THR A 167 -11.20 14.76 -3.32
CA THR A 167 -11.39 13.73 -4.31
C THR A 167 -10.05 13.02 -4.55
N ALA A 168 -10.07 11.72 -4.42
CA ALA A 168 -8.83 10.92 -4.49
C ALA A 168 -8.18 11.01 -5.86
N ALA A 169 -6.86 11.05 -5.88
CA ALA A 169 -6.12 10.87 -7.10
C ALA A 169 -6.45 9.50 -7.67
N THR A 170 -6.36 9.37 -8.99
CA THR A 170 -6.62 8.08 -9.65
C THR A 170 -5.34 7.44 -10.17
N THR A 171 -4.38 8.25 -10.61
CA THR A 171 -3.14 7.70 -11.15
C THR A 171 -2.04 7.60 -10.10
N THR A 172 -2.00 6.50 -9.37
CA THR A 172 -1.20 6.43 -8.15
C THR A 172 0.02 5.56 -8.27
N ILE A 173 0.17 4.88 -9.40
CA ILE A 173 1.26 3.93 -9.61
C ILE A 173 2.24 4.48 -10.64
N VAL A 174 3.47 4.70 -10.19
CA VAL A 174 4.55 5.10 -11.10
C VAL A 174 5.32 3.85 -11.50
N THR A 175 5.35 3.60 -12.80
CA THR A 175 6.14 2.53 -13.37
C THR A 175 7.32 3.20 -14.08
N GLY A 176 8.51 2.67 -13.84
CA GLY A 176 9.72 3.22 -14.44
C GLY A 176 9.83 2.88 -15.92
N TYR A 177 10.99 3.22 -16.50
CA TYR A 177 11.21 2.91 -17.91
C TYR A 177 11.98 1.63 -18.11
N VAL A 178 11.83 1.05 -19.29
CA VAL A 178 12.69 -0.01 -19.78
C VAL A 178 13.41 0.54 -21.00
N GLN A 179 14.74 0.62 -20.91
CA GLN A 179 15.57 1.22 -21.95
C GLN A 179 16.30 0.11 -22.67
N LEU A 180 15.99 -0.04 -23.96
CA LEU A 180 16.63 -1.06 -24.78
C LEU A 180 17.73 -0.44 -25.63
N ASN A 181 18.84 -1.16 -25.73
CA ASN A 181 19.92 -0.79 -26.62
C ASN A 181 20.47 -2.05 -27.29
N SER A 182 20.98 -1.88 -28.51
CA SER A 182 21.54 -2.99 -29.26
C SER A 182 22.38 -2.45 -30.38
N PRO A 183 23.52 -3.10 -30.65
CA PRO A 183 24.29 -2.73 -31.85
C PRO A 183 23.57 -3.14 -33.16
N THR A 184 22.69 -4.15 -33.07
CA THR A 184 21.99 -4.69 -34.23
C THR A 184 20.49 -4.42 -34.17
N ALA A 185 19.84 -4.39 -35.32
CA ALA A 185 18.44 -4.05 -35.43
C ALA A 185 17.57 -5.08 -34.69
N TYR A 186 16.48 -4.59 -34.12
CA TYR A 186 15.49 -5.47 -33.47
C TYR A 186 14.13 -4.78 -33.58
N SER A 187 13.06 -5.54 -33.38
CA SER A 187 11.74 -4.94 -33.26
C SER A 187 11.06 -5.51 -32.03
N VAL A 188 10.23 -4.68 -31.42
CA VAL A 188 9.41 -5.07 -30.30
C VAL A 188 7.99 -4.69 -30.66
N SER A 189 7.05 -5.59 -30.45
CA SER A 189 5.69 -5.33 -30.82
C SER A 189 4.80 -6.23 -30.03
N GLY A 190 3.50 -6.00 -30.14
CA GLY A 190 2.52 -6.82 -29.51
C GLY A 190 1.17 -6.55 -30.08
N THR A 191 0.21 -7.39 -29.69
CA THR A 191 -1.19 -7.19 -30.01
C THR A 191 -1.69 -6.06 -29.13
N GLY A 192 -2.48 -5.18 -29.74
CA GLY A 192 -3.09 -4.09 -29.00
C GLY A 192 -1.97 -3.29 -28.36
N THR A 193 -2.12 -3.01 -27.07
CA THR A 193 -1.14 -2.19 -26.35
C THR A 193 -0.26 -3.04 -25.42
N GLN A 194 -0.22 -4.35 -25.64
CA GLN A 194 0.50 -5.25 -24.76
C GLN A 194 2.00 -4.93 -24.67
N ALA A 195 2.62 -4.55 -25.79
CA ALA A 195 4.02 -4.10 -25.80
C ALA A 195 4.16 -2.58 -25.71
N SER A 196 3.26 -1.86 -26.36
CA SER A 196 3.39 -0.41 -26.45
C SER A 196 3.12 0.28 -25.11
N GLN A 197 2.45 -0.42 -24.18
CA GLN A 197 2.31 0.12 -22.81
C GLN A 197 3.67 0.32 -22.13
N VAL A 198 4.65 -0.44 -22.59
CA VAL A 198 6.03 -0.34 -22.09
C VAL A 198 6.91 0.52 -23.00
N PHE A 199 6.76 0.36 -24.32
CA PHE A 199 7.72 0.93 -25.26
C PHE A 199 7.21 2.02 -26.19
N GLY A 200 5.93 2.28 -26.16
CA GLY A 200 5.33 3.16 -27.16
C GLY A 200 5.38 2.46 -28.52
N ASN A 201 5.22 3.26 -29.57
CA ASN A 201 5.25 2.76 -30.96
C ASN A 201 6.23 3.61 -31.77
N GLY B 1 -25.90 1.60 29.95
CA GLY B 1 -26.43 1.00 28.70
C GLY B 1 -25.30 0.61 27.76
N ALA B 2 -25.66 0.30 26.52
CA ALA B 2 -24.65 -0.04 25.50
C ALA B 2 -24.20 1.22 24.78
N GLY B 3 -22.89 1.37 24.63
CA GLY B 3 -22.32 2.49 23.89
C GLY B 3 -21.93 2.03 22.51
N THR B 4 -20.64 2.11 22.19
CA THR B 4 -20.19 1.84 20.84
C THR B 4 -18.94 0.99 20.89
N VAL B 5 -18.82 0.04 19.97
CA VAL B 5 -17.62 -0.78 19.85
C VAL B 5 -16.48 0.10 19.37
N ALA B 6 -15.24 -0.33 19.57
CA ALA B 6 -14.12 0.45 19.02
C ALA B 6 -14.34 0.73 17.54
N SER B 7 -14.09 1.97 17.12
CA SER B 7 -14.41 2.38 15.76
C SER B 7 -13.28 2.18 14.76
N VAL B 8 -12.06 1.91 15.23
CA VAL B 8 -10.92 1.66 14.33
C VAL B 8 -10.23 0.35 14.66
N ALA B 9 -9.83 0.18 15.92
CA ALA B 9 -9.20 -1.06 16.36
C ALA B 9 -10.20 -2.19 16.27
N GLY B 10 -9.75 -3.34 15.81
CA GLY B 10 -10.63 -4.52 15.76
C GLY B 10 -11.62 -4.47 14.62
N THR B 11 -11.32 -3.68 13.59
CA THR B 11 -12.19 -3.62 12.43
C THR B 11 -11.44 -3.09 11.22
N ALA B 12 -12.11 -3.06 10.07
CA ALA B 12 -11.58 -2.44 8.86
C ALA B 12 -12.16 -1.04 8.76
N THR B 13 -11.31 -0.08 8.41
CA THR B 13 -11.69 1.31 8.20
C THR B 13 -11.02 1.91 6.98
N ALA B 14 -11.54 3.07 6.56
CA ALA B 14 -10.95 3.78 5.44
C ALA B 14 -9.61 4.38 5.80
N SER B 15 -9.49 4.94 7.00
CA SER B 15 -8.32 5.78 7.32
C SER B 15 -7.44 5.31 8.46
N GLY B 16 -7.86 4.26 9.16
CA GLY B 16 -7.05 3.76 10.25
C GLY B 16 -7.04 4.75 11.41
N ILE B 17 -6.10 4.53 12.32
CA ILE B 17 -6.06 5.29 13.56
C ILE B 17 -5.78 6.77 13.27
N ALA B 18 -6.49 7.63 14.00
CA ALA B 18 -6.26 9.08 13.96
C ALA B 18 -5.38 9.53 15.13
N SER B 19 -4.64 10.62 14.90
CA SER B 19 -3.87 11.26 15.97
C SER B 19 -4.76 11.70 17.09
N GLY B 20 -4.22 11.61 18.30
CA GLY B 20 -4.91 12.08 19.49
C GLY B 20 -4.22 11.62 20.75
N THR B 21 -4.88 11.83 21.87
CA THR B 21 -4.32 11.53 23.16
C THR B 21 -5.30 10.63 23.91
N VAL B 22 -4.77 9.55 24.48
CA VAL B 22 -5.53 8.66 25.35
C VAL B 22 -5.14 9.00 26.79
N ASN B 23 -6.16 9.24 27.62
CA ASN B 23 -5.95 9.50 29.05
C ASN B 23 -6.14 8.23 29.86
N LEU B 24 -5.07 7.82 30.53
CA LEU B 24 -5.05 6.61 31.31
C LEU B 24 -4.95 6.98 32.78
N VAL B 25 -5.90 6.51 33.60
CA VAL B 25 -5.91 6.81 35.03
C VAL B 25 -6.06 5.52 35.82
N GLY B 26 -5.11 5.29 36.72
CA GLY B 26 -5.15 4.12 37.60
C GLY B 26 -4.55 4.47 38.92
N GLY B 27 -5.19 4.03 40.01
CA GLY B 27 -4.69 4.34 41.35
C GLY B 27 -4.54 5.84 41.60
N GLY B 28 -5.36 6.66 40.95
CA GLY B 28 -5.26 8.11 41.14
C GLY B 28 -4.07 8.75 40.43
N GLN B 29 -3.38 7.97 39.60
CA GLN B 29 -2.25 8.46 38.81
C GLN B 29 -2.71 8.60 37.37
N VAL B 30 -2.26 9.66 36.70
CA VAL B 30 -2.76 10.06 35.38
C VAL B 30 -1.61 10.04 34.38
N LYS B 31 -1.80 9.35 33.26
CA LYS B 31 -0.86 9.45 32.14
C LYS B 31 -1.60 9.79 30.87
N ASN B 32 -0.99 10.64 30.07
CA ASN B 32 -1.60 11.08 28.82
C ASN B 32 -0.69 10.58 27.72
N ILE B 33 -1.21 9.72 26.85
CA ILE B 33 -0.41 9.00 25.84
C ILE B 33 -0.82 9.46 24.47
N ALA B 34 0.10 10.10 23.75
CA ALA B 34 -0.18 10.54 22.41
C ALA B 34 -0.10 9.35 21.44
N ILE B 35 -1.13 9.25 20.62
CA ILE B 35 -1.31 8.29 19.54
C ILE B 35 -1.09 9.03 18.22
N ALA B 36 -0.45 8.36 17.27
CA ALA B 36 -0.08 8.99 15.98
C ALA B 36 -1.01 8.50 14.90
N ALA B 37 -1.28 9.35 13.92
CA ALA B 37 -2.05 8.97 12.75
C ALA B 37 -1.43 7.75 12.12
N GLY B 38 -2.26 6.75 11.84
CA GLY B 38 -1.82 5.54 11.18
C GLY B 38 -1.21 4.48 12.11
N ASP B 39 -1.15 4.76 13.42
CA ASP B 39 -0.55 3.81 14.34
C ASP B 39 -1.27 2.47 14.26
N SER B 40 -0.49 1.41 14.36
CA SER B 40 -1.00 0.07 14.52
C SER B 40 -1.37 -0.20 15.96
N ALA B 41 -2.15 -1.25 16.19
CA ALA B 41 -2.37 -1.73 17.53
C ALA B 41 -1.03 -2.02 18.22
N LYS B 42 -0.09 -2.62 17.49
CA LYS B 42 1.25 -2.89 18.04
C LYS B 42 1.87 -1.61 18.58
N ALA B 43 1.86 -0.54 17.81
CA ALA B 43 2.44 0.72 18.26
C ALA B 43 1.72 1.34 19.42
N ILE B 44 0.38 1.26 19.45
CA ILE B 44 -0.40 1.79 20.56
C ILE B 44 -0.09 1.02 21.83
N ALA B 45 -0.06 -0.31 21.73
CA ALA B 45 0.25 -1.13 22.88
C ALA B 45 1.66 -0.82 23.40
N GLU B 46 2.62 -0.58 22.51
CA GLU B 46 3.99 -0.25 22.93
C GLU B 46 4.00 1.06 23.73
N LYS B 47 3.19 2.01 23.30
CA LYS B 47 3.09 3.32 23.96
C LYS B 47 2.37 3.25 25.31
N MET B 48 1.42 2.32 25.45
CA MET B 48 0.64 2.21 26.68
C MET B 48 1.25 1.27 27.71
N ASP B 49 2.04 0.30 27.27
CA ASP B 49 2.50 -0.77 28.13
C ASP B 49 3.35 -0.23 29.27
N GLY B 50 2.95 -0.56 30.49
CA GLY B 50 3.68 -0.07 31.67
C GLY B 50 3.55 1.41 31.93
N ALA B 51 2.62 2.10 31.27
CA ALA B 51 2.48 3.55 31.48
C ALA B 51 2.12 3.87 32.94
N ILE B 52 1.28 2.99 33.52
CA ILE B 52 0.98 2.92 34.96
C ILE B 52 1.58 1.61 35.46
N PRO B 53 2.03 1.55 36.72
CA PRO B 53 2.55 0.26 37.20
C PRO B 53 1.49 -0.84 37.14
N ASN B 54 1.91 -2.02 36.71
CA ASN B 54 1.04 -3.20 36.61
C ASN B 54 0.04 -3.18 35.48
N LEU B 55 0.02 -2.11 34.67
CA LEU B 55 -0.83 -2.09 33.47
C LEU B 55 0.00 -2.64 32.32
N SER B 56 -0.46 -3.75 31.75
CA SER B 56 0.20 -4.33 30.60
C SER B 56 -0.69 -4.08 29.38
N ALA B 57 -0.04 -3.94 28.24
CA ALA B 57 -0.74 -3.73 26.95
C ALA B 57 -0.13 -4.64 25.89
N ARG B 58 -0.99 -5.38 25.18
CA ARG B 58 -0.56 -6.25 24.09
C ARG B 58 -1.50 -6.04 22.92
N ALA B 59 -1.02 -6.45 21.74
CA ALA B 59 -1.77 -6.24 20.52
C ALA B 59 -1.71 -7.49 19.67
N ARG B 60 -2.78 -7.75 18.94
CA ARG B 60 -2.81 -8.80 17.95
C ARG B 60 -3.80 -8.39 16.88
N THR B 61 -3.51 -8.76 15.62
CA THR B 61 -4.44 -8.52 14.53
C THR B 61 -4.82 -9.87 13.96
N VAL B 62 -6.08 -10.25 14.15
CA VAL B 62 -6.55 -11.55 13.73
C VAL B 62 -7.86 -11.33 13.02
N PHE B 63 -8.01 -11.93 11.85
CA PHE B 63 -9.29 -11.82 11.18
C PHE B 63 -9.52 -13.03 10.29
N THR B 64 -10.79 -13.30 10.01
CA THR B 64 -11.12 -14.26 8.97
C THR B 64 -11.42 -13.49 7.69
N ALA B 65 -11.16 -14.12 6.57
CA ALA B 65 -11.39 -13.50 5.27
C ALA B 65 -12.10 -14.49 4.35
N ASP B 66 -13.06 -13.99 3.58
CA ASP B 66 -13.88 -14.81 2.68
CA ASP B 66 -13.74 -14.85 2.62
C ASP B 66 -14.01 -14.10 1.34
N VAL B 67 -13.82 -14.81 0.26
CA VAL B 67 -13.99 -14.26 -1.08
C VAL B 67 -15.30 -14.76 -1.63
N SER B 68 -16.10 -13.85 -2.18
CA SER B 68 -17.37 -14.25 -2.78
C SER B 68 -17.69 -13.41 -4.00
N GLY B 69 -18.55 -13.95 -4.85
CA GLY B 69 -19.12 -13.22 -5.95
C GLY B 69 -18.21 -12.88 -7.11
N VAL B 70 -17.03 -13.48 -7.19
CA VAL B 70 -16.09 -13.08 -8.23
C VAL B 70 -16.57 -13.57 -9.61
N THR B 71 -16.81 -12.62 -10.50
CA THR B 71 -17.25 -12.93 -11.87
C THR B 71 -16.62 -11.99 -12.86
N GLY B 72 -16.60 -12.41 -14.12
CA GLY B 72 -16.08 -11.58 -15.19
C GLY B 72 -14.56 -11.56 -15.29
N GLY B 73 -13.89 -12.38 -14.48
CA GLY B 73 -12.43 -12.40 -14.39
C GLY B 73 -12.03 -12.71 -12.97
N SER B 74 -10.92 -12.13 -12.53
CA SER B 74 -10.38 -12.45 -11.19
C SER B 74 -9.87 -11.18 -10.50
N LEU B 75 -9.66 -11.29 -9.19
CA LEU B 75 -9.20 -10.16 -8.39
C LEU B 75 -7.68 -10.11 -8.31
N ASN B 76 -7.13 -8.92 -8.51
CA ASN B 76 -5.72 -8.64 -8.23
C ASN B 76 -5.69 -7.47 -7.25
N PHE B 77 -4.84 -7.55 -6.23
CA PHE B 77 -4.72 -6.46 -5.27
C PHE B 77 -3.47 -6.67 -4.44
N ASP B 78 -2.92 -5.59 -3.94
CA ASP B 78 -1.80 -5.67 -3.01
C ASP B 78 -2.31 -5.93 -1.60
N VAL B 79 -1.46 -6.55 -0.79
CA VAL B 79 -1.68 -6.70 0.65
C VAL B 79 -0.43 -6.22 1.36
N THR B 80 -0.60 -5.32 2.30
CA THR B 80 0.46 -4.79 3.11
C THR B 80 0.24 -5.21 4.56
N VAL B 81 1.28 -5.75 5.18
CA VAL B 81 1.27 -6.02 6.62
C VAL B 81 2.48 -5.29 7.18
N GLY B 82 2.24 -4.35 8.09
CA GLY B 82 3.31 -3.52 8.58
C GLY B 82 3.94 -2.79 7.42
N SER B 83 5.24 -2.99 7.26
CA SER B 83 6.03 -2.34 6.22
C SER B 83 6.28 -3.22 5.00
N ASN B 84 5.59 -4.33 4.88
CA ASN B 84 5.85 -5.33 3.82
C ASN B 84 4.65 -5.51 2.93
N THR B 85 4.87 -5.47 1.61
CA THR B 85 3.77 -5.51 0.68
C THR B 85 4.00 -6.57 -0.39
N VAL B 86 2.95 -7.29 -0.72
CA VAL B 86 2.97 -8.27 -1.80
C VAL B 86 1.79 -8.02 -2.72
N SER B 87 1.88 -8.56 -3.95
CA SER B 87 0.83 -8.43 -4.93
C SER B 87 0.16 -9.79 -5.13
N LEU B 88 -1.14 -9.81 -4.93
CA LEU B 88 -1.95 -11.01 -5.17
C LEU B 88 -2.62 -10.87 -6.54
N ALA B 89 -2.77 -11.96 -7.26
CA ALA B 89 -3.35 -11.88 -8.60
C ALA B 89 -4.08 -13.16 -8.93
N GLY B 90 -5.17 -13.02 -9.68
CA GLY B 90 -5.92 -14.19 -10.12
C GLY B 90 -6.73 -14.83 -9.00
N VAL B 91 -7.13 -14.03 -8.02
CA VAL B 91 -7.91 -14.55 -6.88
C VAL B 91 -9.39 -14.66 -7.24
N THR B 92 -9.95 -15.87 -7.17
CA THR B 92 -11.40 -16.06 -7.37
C THR B 92 -12.11 -16.70 -6.20
N SER B 93 -11.34 -17.22 -5.25
CA SER B 93 -11.91 -17.97 -4.15
C SER B 93 -11.16 -17.74 -2.87
N THR B 94 -11.77 -18.11 -1.76
CA THR B 94 -11.09 -18.09 -0.48
C THR B 94 -9.86 -18.97 -0.50
N GLN B 95 -9.94 -20.15 -1.15
CA GLN B 95 -8.75 -20.98 -1.25
C GLN B 95 -7.60 -20.27 -1.95
N ASP B 96 -7.90 -19.56 -3.03
CA ASP B 96 -6.87 -18.82 -3.76
C ASP B 96 -6.21 -17.78 -2.86
N LEU B 97 -7.04 -17.06 -2.12
CA LEU B 97 -6.54 -16.08 -1.16
C LEU B 97 -5.67 -16.72 -0.12
N ALA B 98 -6.15 -17.83 0.45
CA ALA B 98 -5.36 -18.54 1.42
C ALA B 98 -4.02 -18.97 0.87
N ASP B 99 -4.03 -19.55 -0.33
CA ASP B 99 -2.81 -20.07 -0.94
C ASP B 99 -1.79 -18.96 -1.12
N GLN B 100 -2.24 -17.80 -1.61
CA GLN B 100 -1.30 -16.74 -1.91
C GLN B 100 -0.85 -16.00 -0.65
N LEU B 101 -1.72 -15.83 0.32
CA LEU B 101 -1.27 -15.24 1.58
C LEU B 101 -0.29 -16.18 2.26
N ASN B 102 -0.57 -17.48 2.24
CA ASN B 102 0.36 -18.42 2.87
C ASN B 102 1.71 -18.47 2.18
N SER B 103 1.71 -18.42 0.86
CA SER B 103 2.95 -18.44 0.09
C SER B 103 3.80 -17.22 0.41
N ASN B 104 3.14 -16.11 0.74
CA ASN B 104 3.82 -14.86 1.07
C ASN B 104 3.92 -14.60 2.57
N SER B 105 3.69 -15.63 3.39
CA SER B 105 3.58 -15.40 4.82
C SER B 105 4.87 -15.01 5.52
N SER B 106 6.03 -15.48 5.04
CA SER B 106 7.30 -15.05 5.60
C SER B 106 7.56 -13.55 5.37
N LYS B 107 7.36 -13.10 4.14
CA LYS B 107 7.55 -11.69 3.82
C LYS B 107 6.59 -10.83 4.66
N LEU B 108 5.34 -11.27 4.75
CA LEU B 108 4.33 -10.51 5.45
C LEU B 108 4.38 -10.65 6.97
N GLY B 109 5.03 -11.69 7.51
CA GLY B 109 5.07 -11.89 8.94
C GLY B 109 3.73 -12.26 9.55
N ILE B 110 3.03 -13.18 8.88
CA ILE B 110 1.72 -13.61 9.30
C ILE B 110 1.61 -15.12 9.34
N THR B 111 0.57 -15.60 10.02
CA THR B 111 0.05 -16.93 9.76
C THR B 111 -1.19 -16.75 8.91
N ALA B 112 -1.29 -17.53 7.83
CA ALA B 112 -2.49 -17.54 7.00
C ALA B 112 -2.84 -19.00 6.86
N SER B 113 -3.94 -19.40 7.50
CA SER B 113 -4.30 -20.80 7.61
C SER B 113 -5.73 -20.98 7.20
N ILE B 114 -5.97 -21.97 6.34
CA ILE B 114 -7.31 -22.33 5.97
C ILE B 114 -7.55 -23.69 6.56
N ASN B 115 -8.69 -23.88 7.22
CA ASN B 115 -8.95 -25.14 7.94
C ASN B 115 -9.71 -26.10 7.06
N ASP B 116 -10.00 -27.29 7.60
CA ASP B 116 -10.63 -28.34 6.83
C ASP B 116 -12.07 -28.02 6.42
N LYS B 117 -12.66 -27.00 7.06
CA LYS B 117 -13.98 -26.51 6.70
C LYS B 117 -13.92 -25.30 5.75
N GLY B 118 -12.70 -24.94 5.34
CA GLY B 118 -12.54 -23.89 4.33
C GLY B 118 -12.58 -22.47 4.88
N VAL B 119 -12.44 -22.32 6.18
CA VAL B 119 -12.37 -20.98 6.81
C VAL B 119 -10.92 -20.55 6.90
N LEU B 120 -10.68 -19.32 6.46
CA LEU B 120 -9.34 -18.74 6.38
C LEU B 120 -9.15 -17.71 7.50
N THR B 121 -8.14 -17.94 8.35
CA THR B 121 -7.79 -17.02 9.42
C THR B 121 -6.38 -16.49 9.19
N ILE B 122 -6.25 -15.16 9.31
CA ILE B 122 -4.99 -14.43 9.16
C ILE B 122 -4.60 -13.81 10.47
N THR B 123 -3.36 -14.02 10.89
CA THR B 123 -2.87 -13.49 12.14
C THR B 123 -1.57 -12.71 11.95
N SER B 124 -1.54 -11.45 12.42
CA SER B 124 -0.31 -10.75 12.72
C SER B 124 -0.15 -10.82 14.24
N ALA B 125 0.77 -11.64 14.69
CA ALA B 125 0.83 -11.99 16.10
C ALA B 125 1.21 -10.85 17.00
N THR B 126 1.89 -9.85 16.44
CA THR B 126 2.30 -8.68 17.22
C THR B 126 1.42 -7.47 17.00
N GLY B 127 0.40 -7.59 16.14
CA GLY B 127 -0.58 -6.51 15.99
C GLY B 127 -0.33 -5.44 14.94
N GLU B 128 0.35 -5.80 13.87
CA GLU B 128 0.56 -4.87 12.75
C GLU B 128 -0.74 -4.64 12.01
N ASN B 129 -0.81 -3.50 11.34
CA ASN B 129 -1.94 -3.21 10.46
C ASN B 129 -1.84 -4.05 9.21
N VAL B 130 -2.99 -4.37 8.66
CA VAL B 130 -3.08 -5.11 7.40
C VAL B 130 -3.92 -4.29 6.45
N LYS B 131 -3.36 -3.89 5.31
CA LYS B 131 -4.01 -2.95 4.41
C LYS B 131 -4.14 -3.56 3.02
N PHE B 132 -5.34 -3.41 2.44
CA PHE B 132 -5.64 -3.99 1.14
C PHE B 132 -5.62 -2.89 0.09
N GLY B 133 -4.96 -3.20 -1.01
CA GLY B 133 -4.85 -2.27 -2.11
C GLY B 133 -6.06 -2.29 -3.03
N ALA B 134 -6.02 -1.38 -3.99
CA ALA B 134 -7.10 -1.26 -4.97
C ALA B 134 -7.23 -2.53 -5.80
N GLN B 135 -8.42 -2.76 -6.32
CA GLN B 135 -8.68 -3.91 -7.19
C GLN B 135 -8.20 -3.55 -8.58
N THR B 136 -7.20 -4.28 -9.07
CA THR B 136 -6.60 -3.98 -10.40
C THR B 136 -6.75 -5.13 -11.39
N GLY B 137 -7.44 -6.20 -10.98
CA GLY B 137 -7.66 -7.38 -11.81
C GLY B 137 -8.84 -7.22 -12.74
N THR B 138 -9.10 -8.30 -13.47
CA THR B 138 -10.11 -8.29 -14.53
C THR B 138 -11.53 -8.43 -14.07
N ALA B 139 -11.75 -8.90 -12.84
CA ALA B 139 -13.09 -9.16 -12.36
C ALA B 139 -13.95 -7.93 -12.46
N THR B 140 -15.21 -8.12 -12.83
CA THR B 140 -16.18 -7.01 -12.82
C THR B 140 -17.10 -7.03 -11.62
N ALA B 141 -17.08 -8.11 -10.83
CA ALA B 141 -17.78 -8.13 -9.56
C ALA B 141 -17.03 -9.10 -8.64
N GLY B 142 -17.27 -8.98 -7.35
CA GLY B 142 -16.61 -9.86 -6.37
C GLY B 142 -16.02 -9.04 -5.24
N GLN B 143 -15.87 -9.68 -4.09
CA GLN B 143 -15.34 -9.01 -2.91
C GLN B 143 -14.50 -9.94 -2.06
N VAL B 144 -13.59 -9.31 -1.29
CA VAL B 144 -12.93 -9.94 -0.15
C VAL B 144 -13.51 -9.26 1.07
N ALA B 145 -14.10 -10.04 1.97
CA ALA B 145 -14.68 -9.52 3.19
C ALA B 145 -13.98 -10.10 4.40
N VAL B 146 -13.86 -9.27 5.42
CA VAL B 146 -13.17 -9.65 6.65
C VAL B 146 -14.01 -9.44 7.89
N LYS B 147 -13.78 -10.28 8.89
CA LYS B 147 -14.37 -10.19 10.22
C LYS B 147 -13.20 -10.23 11.19
N VAL B 148 -13.04 -9.17 11.98
CA VAL B 148 -11.86 -8.99 12.79
C VAL B 148 -12.12 -9.38 14.23
N GLN B 149 -11.10 -9.92 14.87
CA GLN B 149 -11.17 -10.33 16.27
C GLN B 149 -10.93 -9.17 17.20
N GLY B 150 -11.77 -9.07 18.22
CA GLY B 150 -11.61 -8.05 19.25
C GLY B 150 -10.80 -8.57 20.44
N SER B 151 -10.51 -7.67 21.37
CA SER B 151 -9.70 -8.03 22.54
C SER B 151 -10.39 -9.08 23.43
N ASP B 152 -11.71 -9.19 23.32
CA ASP B 152 -12.49 -10.22 24.02
C ASP B 152 -12.47 -11.60 23.34
N GLY B 153 -11.69 -11.74 22.27
CA GLY B 153 -11.57 -13.02 21.58
C GLY B 153 -12.64 -13.31 20.54
N LYS B 154 -13.63 -12.43 20.43
CA LYS B 154 -14.76 -12.62 19.53
C LYS B 154 -14.54 -11.95 18.19
N PHE B 155 -15.00 -12.59 17.13
CA PHE B 155 -14.89 -12.06 15.78
C PHE B 155 -16.15 -11.29 15.42
N GLU B 156 -16.02 -10.20 14.68
CA GLU B 156 -17.17 -9.43 14.24
C GLU B 156 -18.20 -10.32 13.57
N ALA B 157 -19.47 -10.11 13.90
CA ALA B 157 -20.56 -10.76 13.13
C ALA B 157 -20.80 -10.04 11.82
N ALA B 158 -20.57 -8.73 11.80
CA ALA B 158 -20.67 -7.96 10.57
C ALA B 158 -19.35 -7.91 9.84
N ALA B 159 -19.33 -8.43 8.62
CA ALA B 159 -18.13 -8.39 7.79
C ALA B 159 -18.08 -7.09 6.99
N LYS B 160 -16.86 -6.72 6.62
CA LYS B 160 -16.62 -5.53 5.81
C LYS B 160 -15.79 -5.89 4.61
N ASN B 161 -16.15 -5.32 3.45
CA ASN B 161 -15.36 -5.53 2.25
C ASN B 161 -14.10 -4.71 2.29
N VAL B 162 -12.96 -5.38 2.09
CA VAL B 162 -11.66 -4.73 1.98
C VAL B 162 -11.17 -4.59 0.54
N VAL B 163 -11.73 -5.41 -0.36
CA VAL B 163 -11.47 -5.32 -1.80
C VAL B 163 -12.81 -5.58 -2.48
N ALA B 164 -13.10 -4.81 -3.51
CA ALA B 164 -14.29 -5.06 -4.30
C ALA B 164 -14.06 -4.67 -5.74
N ALA B 165 -14.52 -5.52 -6.65
CA ALA B 165 -14.45 -5.23 -8.08
C ALA B 165 -15.66 -4.39 -8.46
N GLY B 166 -15.46 -3.53 -9.44
CA GLY B 166 -16.48 -2.52 -9.77
C GLY B 166 -16.28 -1.33 -8.86
N THR B 167 -17.26 -1.07 -8.00
CA THR B 167 -17.12 0.02 -7.05
C THR B 167 -16.12 -0.39 -5.98
N ALA B 168 -15.11 0.44 -5.78
CA ALA B 168 -14.02 0.14 -4.86
C ALA B 168 -14.51 -0.01 -3.43
N ALA B 169 -13.90 -0.92 -2.70
CA ALA B 169 -14.09 -1.00 -1.27
C ALA B 169 -13.62 0.32 -0.65
N THR B 170 -14.21 0.68 0.47
CA THR B 170 -13.83 1.89 1.18
C THR B 170 -13.04 1.57 2.45
N THR B 171 -13.36 0.46 3.12
CA THR B 171 -12.75 0.13 4.40
C THR B 171 -11.62 -0.87 4.18
N THR B 172 -10.42 -0.39 3.91
CA THR B 172 -9.35 -1.26 3.43
C THR B 172 -8.25 -1.53 4.45
N ILE B 173 -8.33 -0.86 5.61
CA ILE B 173 -7.28 -0.94 6.63
C ILE B 173 -7.80 -1.70 7.84
N VAL B 174 -7.19 -2.85 8.11
CA VAL B 174 -7.50 -3.62 9.31
C VAL B 174 -6.53 -3.28 10.40
N THR B 175 -7.06 -2.79 11.51
CA THR B 175 -6.27 -2.49 12.70
C THR B 175 -6.63 -3.53 13.73
N GLY B 176 -5.62 -4.10 14.36
CA GLY B 176 -5.84 -5.13 15.40
C GLY B 176 -6.35 -4.54 16.70
N TYR B 177 -6.44 -5.37 17.72
CA TYR B 177 -6.93 -4.90 19.00
C TYR B 177 -5.77 -4.56 19.93
N VAL B 178 -6.10 -3.74 20.92
CA VAL B 178 -5.21 -3.50 22.03
C VAL B 178 -5.89 -4.04 23.29
N GLN B 179 -5.19 -4.97 23.93
CA GLN B 179 -5.70 -5.61 25.14
C GLN B 179 -4.90 -5.09 26.32
N LEU B 180 -5.62 -4.44 27.23
CA LEU B 180 -5.02 -4.00 28.49
C LEU B 180 -5.36 -4.96 29.61
N ASN B 181 -4.38 -5.21 30.47
CA ASN B 181 -4.59 -6.06 31.64
C ASN B 181 -3.95 -5.41 32.87
N SER B 182 -4.62 -5.56 34.00
CA SER B 182 -4.13 -5.00 35.25
C SER B 182 -4.83 -5.66 36.42
N PRO B 183 -4.09 -5.92 37.50
CA PRO B 183 -4.74 -6.40 38.72
C PRO B 183 -5.57 -5.29 39.41
N THR B 184 -5.20 -4.03 39.15
CA THR B 184 -5.89 -2.87 39.74
C THR B 184 -6.72 -2.13 38.72
N ALA B 185 -7.79 -1.52 39.22
CA ALA B 185 -8.76 -0.80 38.40
C ALA B 185 -8.08 0.34 37.65
N TYR B 186 -8.55 0.60 36.43
CA TYR B 186 -8.03 1.72 35.63
C TYR B 186 -9.16 2.21 34.72
N SER B 187 -9.02 3.41 34.17
CA SER B 187 -9.93 3.89 33.16
C SER B 187 -9.13 4.49 32.01
N VAL B 188 -9.72 4.43 30.82
CA VAL B 188 -9.15 5.01 29.62
C VAL B 188 -10.24 5.89 29.04
N SER B 189 -9.85 7.07 28.59
CA SER B 189 -10.80 7.99 28.03
C SER B 189 -10.06 8.95 27.14
N GLY B 190 -10.84 9.73 26.40
CA GLY B 190 -10.25 10.76 25.57
C GLY B 190 -11.34 11.63 25.01
N THR B 191 -10.91 12.74 24.43
CA THR B 191 -11.80 13.69 23.79
C THR B 191 -12.29 13.10 22.49
N GLY B 192 -13.57 13.26 22.21
CA GLY B 192 -14.14 12.83 20.95
C GLY B 192 -13.89 11.35 20.83
N THR B 193 -13.35 10.93 19.70
CA THR B 193 -13.13 9.50 19.45
C THR B 193 -11.65 9.11 19.61
N GLN B 194 -10.86 9.96 20.23
CA GLN B 194 -9.43 9.73 20.35
C GLN B 194 -9.08 8.43 21.09
N ALA B 195 -9.82 8.12 22.15
CA ALA B 195 -9.62 6.84 22.85
C ALA B 195 -10.61 5.79 22.38
N SER B 196 -11.84 6.18 22.07
CA SER B 196 -12.85 5.19 21.68
C SER B 196 -12.58 4.53 20.34
N GLN B 197 -11.76 5.17 19.51
CA GLN B 197 -11.32 4.52 18.26
C GLN B 197 -10.55 3.23 18.58
N VAL B 198 -9.92 3.18 19.74
CA VAL B 198 -9.18 2.00 20.20
C VAL B 198 -9.98 1.08 21.10
N PHE B 199 -10.73 1.68 22.03
CA PHE B 199 -11.34 0.90 23.13
C PHE B 199 -12.86 0.91 23.16
N GLY B 200 -13.50 1.60 22.24
CA GLY B 200 -14.95 1.74 22.31
C GLY B 200 -15.33 2.69 23.44
N ASN B 201 -16.64 2.85 23.63
CA ASN B 201 -17.20 3.75 24.64
C ASN B 201 -18.35 2.97 25.27
N ALA B 202 -18.24 2.67 26.58
CA ALA B 202 -19.23 1.83 27.26
C ALA B 202 -20.46 2.62 27.77
N SER B 203 -20.51 3.94 27.50
CA SER B 203 -21.67 4.74 27.89
C SER B 203 -22.68 4.86 26.75
#